data_7BCH
#
_entry.id   7BCH
#
_cell.length_a   60.468
_cell.length_b   73.005
_cell.length_c   79.099
_cell.angle_alpha   90.000
_cell.angle_beta   90.000
_cell.angle_gamma   90.000
#
_symmetry.space_group_name_H-M   'P 21 21 21'
#
loop_
_entity.id
_entity.type
_entity.pdbx_description
1 polymer 'Palmitoleoyl-protein carboxylesterase NOTUM'
2 non-polymer 'SULFATE ION'
3 non-polymer 2-acetamido-2-deoxy-beta-D-glucopyranose
4 non-polymer N-Benzyl-2-methoxyacetamide
5 water water
#
_entity_poly.entity_id   1
_entity_poly.type   'polypeptide(L)'
_entity_poly.pdbx_seq_one_letter_code
;ETGSAQQLNEDLRLHLLLNTSVTCNDGSPAGYYLKESRGSRRWLLFLEGGWYCFNRENCDSRYDTMRRLMSSRDWPRTRT
GTGILSSQPEENPYWWNANMVFIPYCSSDVWSGASSKSEKNEYAFMGALIIQEVVRELLGRGLSGAKVLLLAGSSAGGTG
VLLNVDRVAEQLEKLGYPAIQVRGLADSGWFLDNKQYRHTDCVDTITCAPTEAIRRGIRYWNGVVPERCRRQFQEGEEWN
CFFGYKVYPTLRSPVFVVQWLFDEAQLTVDNVHLTGQPVQEGLRLYIQNLGRELRHTLKDVPASFAPACLSHEIIIRSHW
TDVQVKGTSLPRALHCWDRSLHDSHKASKTPLKGCPVHLVDSCPWPHCNPSCPTGTKHHHHHH
;
_entity_poly.pdbx_strand_id   A
#
loop_
_chem_comp.id
_chem_comp.type
_chem_comp.name
_chem_comp.formula
NAG D-saccharide, beta linking 2-acetamido-2-deoxy-beta-D-glucopyranose 'C8 H15 N O6'
SO4 non-polymer 'SULFATE ION' 'O4 S -2'
T9Q non-polymer N-Benzyl-2-methoxyacetamide 'C10 H13 N O2'
#
# COMPACT_ATOMS: atom_id res chain seq x y z
N ASP A 11 -5.35 -21.00 -2.18
CA ASP A 11 -3.96 -20.93 -2.62
C ASP A 11 -3.83 -20.13 -3.92
N LEU A 12 -2.94 -19.16 -3.92
CA LEU A 12 -2.55 -18.42 -5.11
C LEU A 12 -1.26 -19.01 -5.67
N ARG A 13 -1.19 -19.16 -6.99
CA ARG A 13 -0.05 -19.79 -7.67
C ARG A 13 0.92 -18.74 -8.20
N LEU A 14 2.22 -19.02 -8.04
CA LEU A 14 3.28 -18.10 -8.47
C LEU A 14 3.47 -18.13 -9.98
N HIS A 15 3.64 -16.93 -10.56
CA HIS A 15 4.07 -16.75 -11.94
C HIS A 15 5.22 -15.76 -11.96
N LEU A 16 6.38 -16.18 -12.44
CA LEU A 16 7.48 -15.25 -12.64
C LEU A 16 7.27 -14.47 -13.94
N LEU A 17 7.70 -13.22 -13.96
CA LEU A 17 7.39 -12.35 -15.10
C LEU A 17 8.07 -12.86 -16.36
N LEU A 18 7.30 -12.93 -17.45
CA LEU A 18 7.84 -13.35 -18.75
C LEU A 18 8.91 -12.37 -19.26
N ASN A 19 8.75 -11.09 -18.95
CA ASN A 19 9.78 -10.10 -19.25
C ASN A 19 10.83 -10.17 -18.15
N THR A 20 11.93 -10.88 -18.41
CA THR A 20 12.94 -11.10 -17.37
C THR A 20 13.84 -9.89 -17.14
N SER A 21 13.64 -8.78 -17.87
CA SER A 21 14.35 -7.54 -17.59
CA SER A 21 14.36 -7.55 -17.58
C SER A 21 13.72 -6.74 -16.45
N VAL A 22 12.57 -7.16 -15.95
CA VAL A 22 11.91 -6.53 -14.80
C VAL A 22 12.22 -7.40 -13.59
N THR A 23 13.11 -6.93 -12.71
CA THR A 23 13.74 -7.81 -11.74
C THR A 23 13.62 -7.28 -10.32
N CYS A 24 13.81 -8.20 -9.38
CA CYS A 24 14.06 -7.88 -7.97
C CYS A 24 15.44 -7.24 -7.82
N ASN A 25 15.78 -6.88 -6.56
CA ASN A 25 17.00 -6.13 -6.28
C ASN A 25 18.23 -6.84 -6.87
N ASP A 26 18.31 -8.16 -6.74
CA ASP A 26 19.52 -8.89 -7.14
C ASP A 26 19.49 -9.39 -8.59
N GLY A 27 18.59 -8.90 -9.43
CA GLY A 27 18.52 -9.30 -10.82
C GLY A 27 17.70 -10.54 -11.13
N SER A 28 17.22 -11.26 -10.12
CA SER A 28 16.30 -12.37 -10.35
C SER A 28 14.92 -11.83 -10.78
N PRO A 29 14.14 -12.62 -11.53
CA PRO A 29 12.87 -12.10 -12.04
C PRO A 29 11.89 -11.80 -10.91
N ALA A 30 11.14 -10.71 -11.06
CA ALA A 30 10.00 -10.44 -10.18
C ALA A 30 8.83 -11.33 -10.58
N GLY A 31 7.69 -11.17 -9.90
CA GLY A 31 6.54 -12.02 -10.21
C GLY A 31 5.29 -11.62 -9.45
N TYR A 32 4.30 -12.52 -9.48
CA TYR A 32 3.02 -12.35 -8.79
C TYR A 32 2.38 -13.70 -8.52
N TYR A 33 1.52 -13.76 -7.50
CA TYR A 33 0.71 -14.93 -7.18
C TYR A 33 -0.74 -14.67 -7.57
N LEU A 34 -1.36 -15.62 -8.27
CA LEU A 34 -2.67 -15.41 -8.89
C LEU A 34 -3.63 -16.53 -8.50
N LYS A 35 -4.86 -16.16 -8.14
CA LYS A 35 -5.97 -17.11 -8.04
C LYS A 35 -7.17 -16.53 -8.79
N GLU A 36 -7.51 -17.15 -9.91
CA GLU A 36 -8.58 -16.67 -10.79
C GLU A 36 -9.95 -17.05 -10.26
N SER A 37 -10.94 -16.24 -10.65
CA SER A 37 -12.36 -16.46 -10.33
C SER A 37 -13.12 -16.13 -11.62
N ARG A 38 -13.40 -17.16 -12.43
CA ARG A 38 -13.89 -16.92 -13.79
C ARG A 38 -15.27 -16.25 -13.81
N GLY A 39 -16.06 -16.38 -12.76
CA GLY A 39 -17.35 -15.72 -12.74
C GLY A 39 -17.33 -14.31 -12.20
N SER A 40 -16.17 -13.64 -12.24
CA SER A 40 -16.02 -12.33 -11.62
C SER A 40 -15.26 -11.37 -12.54
N ARG A 41 -15.72 -10.12 -12.57
CA ARG A 41 -15.05 -9.05 -13.31
C ARG A 41 -14.35 -8.07 -12.37
N ARG A 42 -14.16 -8.45 -11.10
CA ARG A 42 -13.41 -7.65 -10.14
C ARG A 42 -12.03 -8.25 -9.93
N TRP A 43 -11.01 -7.39 -9.89
CA TRP A 43 -9.61 -7.79 -9.76
C TRP A 43 -8.96 -7.02 -8.61
N LEU A 44 -8.36 -7.76 -7.66
CA LEU A 44 -7.69 -7.15 -6.51
C LEU A 44 -6.20 -7.42 -6.63
N LEU A 45 -5.40 -6.36 -6.74
CA LEU A 45 -3.95 -6.48 -6.86
C LEU A 45 -3.32 -5.89 -5.59
N PHE A 46 -2.69 -6.73 -4.77
CA PHE A 46 -2.22 -6.33 -3.45
C PHE A 46 -0.71 -6.18 -3.43
N LEU A 47 -0.22 -5.03 -2.93
CA LEU A 47 1.21 -4.74 -2.83
C LEU A 47 1.71 -5.04 -1.42
N GLU A 48 2.62 -6.00 -1.31
CA GLU A 48 3.26 -6.32 -0.03
C GLU A 48 4.12 -5.15 0.47
N GLY A 49 4.27 -5.05 1.81
CA GLY A 49 5.16 -4.11 2.43
C GLY A 49 6.42 -4.75 3.00
N GLY A 50 7.21 -3.94 3.73
CA GLY A 50 8.44 -4.41 4.37
C GLY A 50 9.63 -3.46 4.41
N TRP A 51 9.43 -2.23 4.91
CA TRP A 51 10.45 -1.18 4.98
C TRP A 51 11.15 -0.96 3.63
N TYR A 52 12.45 -0.68 3.64
CA TYR A 52 13.19 -0.27 2.44
C TYR A 52 14.66 -0.19 2.78
N CYS A 53 15.50 0.08 1.77
CA CYS A 53 16.91 0.33 2.03
C CYS A 53 17.38 1.46 1.10
N PHE A 54 18.35 2.28 1.54
CA PHE A 54 18.60 3.52 0.82
C PHE A 54 20.06 3.82 0.50
N ASN A 55 20.98 2.87 0.74
CA ASN A 55 22.35 2.99 0.24
C ASN A 55 22.95 1.59 0.16
N ARG A 56 24.17 1.52 -0.38
CA ARG A 56 24.83 0.24 -0.59
C ARG A 56 24.93 -0.56 0.71
N GLU A 57 25.39 0.10 1.79
CA GLU A 57 25.70 -0.63 3.01
C GLU A 57 24.44 -1.15 3.70
N ASN A 58 23.35 -0.37 3.76
CA ASN A 58 22.19 -0.94 4.44
C ASN A 58 21.42 -1.89 3.53
N CYS A 59 21.54 -1.78 2.20
CA CYS A 59 20.95 -2.80 1.33
C CYS A 59 21.72 -4.12 1.42
N ASP A 60 23.06 -4.06 1.54
CA ASP A 60 23.85 -5.27 1.74
C ASP A 60 23.41 -6.00 3.01
N SER A 61 23.17 -5.25 4.09
N SER A 61 23.16 -5.27 4.09
CA SER A 61 22.72 -5.86 5.34
CA SER A 61 22.73 -5.91 5.33
C SER A 61 21.37 -6.54 5.17
C SER A 61 21.35 -6.54 5.18
N ARG A 62 20.43 -5.85 4.52
CA ARG A 62 19.12 -6.44 4.22
C ARG A 62 19.25 -7.71 3.37
N TYR A 63 20.24 -7.76 2.46
CA TYR A 63 20.40 -8.96 1.63
C TYR A 63 20.80 -10.17 2.47
N ASP A 64 21.46 -9.96 3.60
CA ASP A 64 21.93 -11.07 4.43
C ASP A 64 20.81 -11.71 5.23
N THR A 65 19.87 -10.92 5.73
CA THR A 65 18.91 -11.43 6.68
C THR A 65 17.46 -11.12 6.33
N MET A 66 17.20 -10.49 5.17
CA MET A 66 15.84 -10.29 4.68
C MET A 66 15.78 -10.56 3.17
N ARG A 67 16.40 -11.65 2.72
CA ARG A 67 16.69 -11.84 1.30
C ARG A 67 15.43 -12.06 0.46
N ARG A 68 14.38 -12.63 1.06
CA ARG A 68 13.14 -12.83 0.30
C ARG A 68 12.50 -11.51 -0.13
N LEU A 69 12.85 -10.41 0.55
CA LEU A 69 12.43 -9.07 0.16
C LEU A 69 13.40 -8.42 -0.83
N MET A 70 14.35 -9.18 -1.37
CA MET A 70 15.31 -8.66 -2.34
C MET A 70 15.57 -9.60 -3.52
N SER A 71 14.88 -10.73 -3.61
CA SER A 71 15.20 -11.83 -4.52
C SER A 71 14.02 -12.79 -4.59
N SER A 72 13.82 -13.40 -5.77
CA SER A 72 12.80 -14.44 -5.92
C SER A 72 13.36 -15.86 -5.89
N ARG A 73 14.67 -16.01 -5.67
CA ARG A 73 15.31 -17.32 -5.80
C ARG A 73 14.73 -18.35 -4.83
N ASP A 74 14.22 -17.91 -3.66
CA ASP A 74 13.71 -18.83 -2.64
C ASP A 74 12.20 -18.73 -2.43
N TRP A 75 11.45 -18.11 -3.36
CA TRP A 75 10.01 -17.96 -3.17
C TRP A 75 9.30 -19.31 -3.28
N PRO A 76 8.27 -19.55 -2.48
CA PRO A 76 7.49 -20.78 -2.60
C PRO A 76 6.54 -20.72 -3.80
N ARG A 77 6.07 -21.91 -4.21
CA ARG A 77 5.26 -22.00 -5.41
C ARG A 77 3.83 -21.54 -5.17
N THR A 78 3.38 -21.53 -3.92
CA THR A 78 2.03 -21.06 -3.60
C THR A 78 2.04 -20.19 -2.35
N ARG A 79 0.91 -19.50 -2.16
CA ARG A 79 0.60 -18.69 -0.97
C ARG A 79 -0.87 -18.85 -0.65
N THR A 80 -1.21 -18.85 0.63
CA THR A 80 -2.61 -18.83 1.04
C THR A 80 -3.13 -17.39 1.06
N GLY A 81 -4.27 -17.15 0.42
CA GLY A 81 -4.90 -15.84 0.51
C GLY A 81 -5.58 -15.67 1.86
N THR A 82 -5.24 -14.58 2.57
CA THR A 82 -5.79 -14.28 3.89
C THR A 82 -6.41 -12.90 3.91
N GLY A 83 -7.37 -12.71 4.81
CA GLY A 83 -8.02 -11.40 4.94
C GLY A 83 -8.77 -11.04 3.67
N ILE A 84 -8.48 -9.85 3.13
CA ILE A 84 -9.13 -9.38 1.90
C ILE A 84 -8.73 -10.22 0.68
N LEU A 85 -7.66 -11.01 0.77
CA LEU A 85 -7.27 -11.94 -0.29
C LEU A 85 -7.86 -13.33 -0.11
N SER A 86 -8.69 -13.55 0.92
CA SER A 86 -9.35 -14.83 1.11
C SER A 86 -10.58 -14.99 0.22
N SER A 87 -10.80 -16.23 -0.24
CA SER A 87 -11.95 -16.58 -1.07
C SER A 87 -13.14 -17.12 -0.28
N GLN A 88 -13.06 -17.22 1.05
CA GLN A 88 -14.20 -17.72 1.81
C GLN A 88 -15.01 -16.57 2.40
N PRO A 89 -16.34 -16.57 2.21
CA PRO A 89 -17.15 -15.40 2.63
C PRO A 89 -17.09 -15.10 4.11
N GLU A 90 -16.86 -16.10 4.97
CA GLU A 90 -16.80 -15.81 6.40
C GLU A 90 -15.56 -15.00 6.79
N GLU A 91 -14.44 -15.20 6.08
CA GLU A 91 -13.23 -14.44 6.34
C GLU A 91 -13.17 -13.12 5.56
N ASN A 92 -13.89 -13.04 4.45
CA ASN A 92 -13.83 -11.88 3.55
C ASN A 92 -15.23 -11.55 3.06
N PRO A 93 -16.04 -10.89 3.89
CA PRO A 93 -17.39 -10.49 3.46
C PRO A 93 -17.40 -9.48 2.32
N TYR A 94 -16.28 -8.78 2.08
CA TYR A 94 -16.25 -7.72 1.07
C TYR A 94 -16.16 -8.28 -0.35
N TRP A 95 -15.06 -8.94 -0.72
CA TRP A 95 -14.71 -9.30 -2.10
C TRP A 95 -14.30 -10.76 -2.24
N TRP A 96 -15.01 -11.69 -1.58
CA TRP A 96 -14.60 -13.09 -1.55
C TRP A 96 -14.59 -13.74 -2.93
N ASN A 97 -15.39 -13.23 -3.87
CA ASN A 97 -15.49 -13.83 -5.20
C ASN A 97 -14.56 -13.19 -6.24
N ALA A 98 -13.68 -12.28 -5.84
CA ALA A 98 -12.87 -11.56 -6.81
C ALA A 98 -11.68 -12.40 -7.29
N ASN A 99 -11.08 -11.97 -8.40
CA ASN A 99 -9.78 -12.47 -8.82
C ASN A 99 -8.72 -11.89 -7.90
N MET A 100 -7.82 -12.74 -7.38
CA MET A 100 -6.90 -12.37 -6.30
C MET A 100 -5.46 -12.37 -6.79
N VAL A 101 -4.73 -11.26 -6.56
CA VAL A 101 -3.32 -11.17 -6.92
C VAL A 101 -2.50 -10.64 -5.74
N PHE A 102 -1.45 -11.38 -5.37
CA PHE A 102 -0.46 -10.93 -4.36
C PHE A 102 0.83 -10.62 -5.10
N ILE A 103 1.31 -9.39 -5.01
CA ILE A 103 2.54 -8.99 -5.68
C ILE A 103 3.64 -8.86 -4.63
N PRO A 104 4.59 -9.79 -4.57
CA PRO A 104 5.64 -9.69 -3.54
C PRO A 104 6.50 -8.45 -3.73
N TYR A 105 6.97 -7.91 -2.60
CA TYR A 105 7.83 -6.73 -2.53
C TYR A 105 9.28 -7.21 -2.54
N CYS A 106 9.98 -7.06 -3.66
CA CYS A 106 11.38 -7.46 -3.72
C CYS A 106 12.25 -6.35 -4.31
N SER A 107 11.80 -5.09 -4.24
CA SER A 107 12.53 -3.96 -4.80
C SER A 107 13.01 -2.94 -3.77
N SER A 108 12.58 -3.03 -2.50
CA SER A 108 13.13 -2.26 -1.38
C SER A 108 13.09 -0.73 -1.60
N ASP A 109 12.09 -0.24 -2.35
CA ASP A 109 12.08 1.14 -2.82
C ASP A 109 10.71 1.80 -2.64
N VAL A 110 9.88 1.29 -1.74
CA VAL A 110 8.51 1.77 -1.55
C VAL A 110 7.75 1.81 -2.87
N TRP A 111 8.08 0.87 -3.77
CA TRP A 111 7.37 0.71 -5.06
C TRP A 111 7.52 1.92 -5.97
N SER A 112 8.65 2.65 -5.86
CA SER A 112 8.86 3.89 -6.59
C SER A 112 9.96 3.83 -7.65
N GLY A 113 10.77 2.76 -7.69
CA GLY A 113 11.99 2.82 -8.47
C GLY A 113 11.82 2.50 -9.96
N ALA A 114 12.77 2.97 -10.76
CA ALA A 114 12.80 2.63 -12.18
C ALA A 114 14.24 2.58 -12.67
N SER A 115 15.09 1.81 -12.00
N SER A 115 15.09 1.82 -12.00
CA SER A 115 16.52 1.74 -12.30
CA SER A 115 16.52 1.74 -12.33
C SER A 115 16.99 0.29 -12.35
C SER A 115 16.97 0.29 -12.37
N SER A 116 17.70 -0.06 -13.42
CA SER A 116 18.18 -1.42 -13.62
C SER A 116 19.54 -1.66 -12.96
N LYS A 117 19.82 -2.92 -12.64
CA LYS A 117 21.17 -3.31 -12.24
C LYS A 117 22.10 -3.19 -13.44
N SER A 118 23.34 -2.76 -13.21
CA SER A 118 24.26 -2.46 -14.31
C SER A 118 25.68 -2.41 -13.76
N GLU A 119 26.62 -2.02 -14.62
CA GLU A 119 28.00 -1.94 -14.15
C GLU A 119 28.21 -0.81 -13.15
N LYS A 120 27.27 0.14 -13.07
CA LYS A 120 27.33 1.21 -12.08
C LYS A 120 26.35 1.04 -10.93
N ASN A 121 25.44 0.05 -10.98
CA ASN A 121 24.43 -0.16 -9.96
C ASN A 121 24.51 -1.60 -9.45
N GLU A 122 24.78 -1.78 -8.15
CA GLU A 122 24.83 -3.12 -7.57
C GLU A 122 23.46 -3.77 -7.49
N TYR A 123 22.42 -2.97 -7.28
CA TYR A 123 21.05 -3.47 -7.14
C TYR A 123 20.14 -2.80 -8.15
N ALA A 124 19.07 -3.51 -8.51
CA ALA A 124 17.99 -2.98 -9.32
C ALA A 124 16.86 -2.52 -8.42
N PHE A 125 16.29 -1.36 -8.72
CA PHE A 125 15.15 -0.82 -7.97
C PHE A 125 14.04 -0.53 -8.99
N MET A 126 13.13 -1.49 -9.19
CA MET A 126 12.19 -1.45 -10.30
C MET A 126 10.72 -1.54 -9.84
N GLY A 127 10.42 -1.13 -8.60
CA GLY A 127 9.07 -1.29 -8.08
C GLY A 127 7.99 -0.70 -8.96
N ALA A 128 8.20 0.51 -9.47
CA ALA A 128 7.17 1.13 -10.30
C ALA A 128 6.99 0.37 -11.61
N LEU A 129 8.08 -0.16 -12.16
CA LEU A 129 8.02 -0.97 -13.39
C LEU A 129 7.45 -2.35 -13.14
N ILE A 130 7.68 -2.93 -11.96
CA ILE A 130 7.09 -4.23 -11.63
C ILE A 130 5.56 -4.15 -11.67
N ILE A 131 4.99 -3.08 -11.11
CA ILE A 131 3.54 -2.92 -11.11
C ILE A 131 3.01 -2.89 -12.55
N GLN A 132 3.63 -2.05 -13.39
CA GLN A 132 3.19 -1.93 -14.79
C GLN A 132 3.27 -3.26 -15.53
N GLU A 133 4.34 -4.04 -15.30
CA GLU A 133 4.53 -5.28 -16.03
C GLU A 133 3.55 -6.36 -15.56
N VAL A 134 3.27 -6.40 -14.25
CA VAL A 134 2.22 -7.29 -13.76
C VAL A 134 0.89 -6.98 -14.42
N VAL A 135 0.54 -5.69 -14.49
CA VAL A 135 -0.73 -5.31 -15.12
C VAL A 135 -0.73 -5.72 -16.59
N ARG A 136 0.38 -5.49 -17.29
CA ARG A 136 0.45 -5.83 -18.72
C ARG A 136 0.23 -7.33 -18.94
N GLU A 137 0.93 -8.17 -18.18
CA GLU A 137 0.81 -9.60 -18.39
C GLU A 137 -0.53 -10.15 -17.91
N LEU A 138 -1.17 -9.50 -16.93
CA LEU A 138 -2.48 -10.00 -16.49
C LEU A 138 -3.57 -9.73 -17.52
N LEU A 139 -3.40 -8.74 -18.40
CA LEU A 139 -4.45 -8.51 -19.40
C LEU A 139 -4.64 -9.75 -20.28
N GLY A 140 -3.57 -10.50 -20.55
CA GLY A 140 -3.68 -11.74 -21.31
C GLY A 140 -4.29 -12.91 -20.56
N ARG A 141 -4.47 -12.80 -19.24
CA ARG A 141 -5.05 -13.86 -18.44
C ARG A 141 -6.45 -13.54 -17.93
N GLY A 142 -7.09 -12.50 -18.45
CA GLY A 142 -8.43 -12.19 -17.99
C GLY A 142 -8.72 -10.76 -17.57
N LEU A 143 -7.68 -9.99 -17.20
CA LEU A 143 -7.92 -8.62 -16.75
C LEU A 143 -8.58 -7.75 -17.82
N SER A 144 -8.40 -8.09 -19.11
CA SER A 144 -9.02 -7.33 -20.19
C SER A 144 -10.54 -7.23 -20.03
N GLY A 145 -11.16 -8.20 -19.37
CA GLY A 145 -12.61 -8.17 -19.17
C GLY A 145 -13.09 -7.56 -17.87
N ALA A 146 -12.21 -6.91 -17.10
CA ALA A 146 -12.56 -6.45 -15.77
C ALA A 146 -13.48 -5.23 -15.82
N LYS A 147 -14.28 -5.08 -14.77
CA LYS A 147 -15.01 -3.83 -14.52
C LYS A 147 -14.35 -2.96 -13.47
N VAL A 148 -13.65 -3.56 -12.50
CA VAL A 148 -13.00 -2.79 -11.44
C VAL A 148 -11.65 -3.43 -11.17
N LEU A 149 -10.59 -2.61 -11.10
CA LEU A 149 -9.27 -3.04 -10.65
C LEU A 149 -8.96 -2.25 -9.39
N LEU A 150 -8.92 -2.95 -8.25
CA LEU A 150 -8.59 -2.32 -6.97
C LEU A 150 -7.12 -2.62 -6.65
N LEU A 151 -6.30 -1.56 -6.66
CA LEU A 151 -4.88 -1.64 -6.26
C LEU A 151 -4.80 -1.37 -4.76
N ALA A 152 -4.47 -2.40 -4.00
CA ALA A 152 -4.39 -2.34 -2.54
C ALA A 152 -2.97 -2.62 -2.07
N GLY A 153 -2.70 -2.33 -0.80
CA GLY A 153 -1.35 -2.58 -0.27
C GLY A 153 -1.25 -2.14 1.17
N SER A 154 -0.28 -2.75 1.88
CA SER A 154 -0.10 -2.54 3.32
C SER A 154 1.32 -2.02 3.63
N SER A 155 1.39 -1.04 4.55
CA SER A 155 2.65 -0.44 5.02
CA SER A 155 2.65 -0.43 5.01
C SER A 155 3.38 0.19 3.83
N ALA A 156 4.62 -0.21 3.50
CA ALA A 156 5.25 0.34 2.29
C ALA A 156 4.40 0.10 1.04
N GLY A 157 3.63 -1.00 1.02
CA GLY A 157 2.69 -1.22 -0.09
C GLY A 157 1.52 -0.24 -0.10
N GLY A 158 1.11 0.23 1.09
CA GLY A 158 0.08 1.26 1.14
C GLY A 158 0.57 2.58 0.56
N THR A 159 1.78 2.99 0.92
CA THR A 159 2.37 4.15 0.27
C THR A 159 2.51 3.90 -1.23
N GLY A 160 2.87 2.66 -1.61
CA GLY A 160 2.97 2.30 -3.02
C GLY A 160 1.67 2.51 -3.80
N VAL A 161 0.52 2.27 -3.15
CA VAL A 161 -0.77 2.55 -3.80
C VAL A 161 -0.88 4.02 -4.14
N LEU A 162 -0.54 4.89 -3.18
CA LEU A 162 -0.64 6.34 -3.41
C LEU A 162 0.27 6.80 -4.54
N LEU A 163 1.44 6.16 -4.67
CA LEU A 163 2.42 6.56 -5.69
C LEU A 163 2.08 6.03 -7.09
N ASN A 164 1.31 4.95 -7.20
CA ASN A 164 1.14 4.25 -8.48
C ASN A 164 -0.28 4.15 -9.02
N VAL A 165 -1.32 4.47 -8.24
CA VAL A 165 -2.70 4.17 -8.68
C VAL A 165 -3.05 4.97 -9.94
N ASP A 166 -2.66 6.25 -10.01
CA ASP A 166 -2.98 7.07 -11.19
C ASP A 166 -2.17 6.64 -12.42
N ARG A 167 -0.96 6.11 -12.23
CA ARG A 167 -0.18 5.62 -13.37
C ARG A 167 -0.79 4.34 -13.94
N VAL A 168 -1.32 3.47 -13.08
CA VAL A 168 -2.04 2.28 -13.56
C VAL A 168 -3.27 2.69 -14.37
N ALA A 169 -4.01 3.68 -13.89
CA ALA A 169 -5.19 4.16 -14.62
C ALA A 169 -4.80 4.71 -15.98
N GLU A 170 -3.67 5.43 -16.04
CA GLU A 170 -3.20 6.00 -17.30
C GLU A 170 -2.69 4.93 -18.25
N GLN A 171 -2.01 3.91 -17.72
CA GLN A 171 -1.55 2.79 -18.53
C GLN A 171 -2.72 2.10 -19.22
N LEU A 172 -3.80 1.80 -18.49
CA LEU A 172 -4.92 1.10 -19.11
C LEU A 172 -5.64 1.99 -20.12
N GLU A 173 -5.74 3.30 -19.85
CA GLU A 173 -6.33 4.22 -20.83
C GLU A 173 -5.56 4.20 -22.15
N LYS A 174 -4.23 4.31 -22.08
CA LYS A 174 -3.43 4.38 -23.30
C LYS A 174 -3.34 3.03 -24.02
N LEU A 175 -3.60 1.93 -23.33
CA LEU A 175 -3.64 0.62 -23.98
C LEU A 175 -4.98 0.32 -24.64
N GLY A 176 -5.98 1.17 -24.47
CA GLY A 176 -7.27 0.96 -25.08
C GLY A 176 -8.31 0.29 -24.21
N TYR A 177 -8.20 0.37 -22.88
CA TYR A 177 -9.20 -0.15 -21.96
C TYR A 177 -9.76 0.96 -21.07
N PRO A 178 -10.51 1.92 -21.64
CA PRO A 178 -11.10 2.97 -20.80
C PRO A 178 -12.24 2.51 -19.91
N ALA A 179 -12.76 1.29 -20.10
CA ALA A 179 -13.89 0.84 -19.30
C ALA A 179 -13.50 0.30 -17.92
N ILE A 180 -12.25 -0.11 -17.73
CA ILE A 180 -11.82 -0.64 -16.44
C ILE A 180 -11.70 0.51 -15.45
N GLN A 181 -12.41 0.43 -14.33
CA GLN A 181 -12.32 1.47 -13.30
C GLN A 181 -11.20 1.11 -12.32
N VAL A 182 -10.19 1.98 -12.22
CA VAL A 182 -9.06 1.77 -11.32
C VAL A 182 -9.31 2.57 -10.03
N ARG A 183 -9.09 1.93 -8.87
CA ARG A 183 -9.29 2.51 -7.56
C ARG A 183 -8.13 2.07 -6.67
N GLY A 184 -7.96 2.73 -5.51
CA GLY A 184 -6.89 2.38 -4.60
C GLY A 184 -7.37 2.17 -3.18
N LEU A 185 -6.65 1.29 -2.47
CA LEU A 185 -6.91 1.02 -1.05
C LEU A 185 -5.56 1.02 -0.35
N ALA A 186 -5.26 2.08 0.40
CA ALA A 186 -3.95 2.25 1.04
C ALA A 186 -4.09 1.98 2.53
N ASP A 187 -3.48 0.87 2.99
CA ASP A 187 -3.54 0.40 4.37
C ASP A 187 -2.20 0.69 5.07
N SER A 188 -2.25 1.48 6.15
CA SER A 188 -1.08 1.73 7.00
C SER A 188 0.11 2.34 6.24
N GLY A 189 -0.19 3.16 5.23
CA GLY A 189 0.86 3.88 4.52
C GLY A 189 0.72 5.39 4.52
N TRP A 190 0.01 5.95 5.50
CA TRP A 190 -0.32 7.37 5.61
C TRP A 190 0.43 7.94 6.83
N PHE A 191 1.64 8.46 6.58
CA PHE A 191 2.57 8.88 7.63
C PHE A 191 2.71 10.39 7.69
N LEU A 192 3.21 10.86 8.84
CA LEU A 192 3.44 12.28 9.11
C LEU A 192 4.94 12.54 9.22
N ASP A 193 5.39 13.62 8.59
CA ASP A 193 6.78 14.07 8.70
C ASP A 193 6.91 15.03 9.89
N ASN A 194 6.68 14.47 11.07
CA ASN A 194 6.57 15.25 12.30
C ASN A 194 7.88 15.25 13.08
N LYS A 195 7.93 16.07 14.13
CA LYS A 195 9.08 16.10 15.03
C LYS A 195 9.13 14.83 15.87
N GLN A 196 10.34 14.27 16.01
CA GLN A 196 10.50 13.07 16.83
C GLN A 196 10.31 13.38 18.32
N TYR A 197 10.03 12.34 19.10
CA TYR A 197 9.87 12.52 20.53
C TYR A 197 11.24 12.71 21.20
N ARG A 198 12.23 11.95 20.75
CA ARG A 198 13.65 12.16 21.11
C ARG A 198 14.51 12.15 19.85
N THR A 211 12.37 11.61 6.49
CA THR A 211 12.45 12.52 5.35
C THR A 211 13.83 12.49 4.72
N GLU A 212 14.85 12.32 5.57
CA GLU A 212 16.21 12.30 5.05
C GLU A 212 16.53 10.96 4.38
N ALA A 213 16.06 9.86 4.96
CA ALA A 213 16.29 8.55 4.35
C ALA A 213 15.56 8.44 3.02
N ILE A 214 14.36 9.01 2.92
CA ILE A 214 13.62 9.00 1.66
C ILE A 214 14.27 9.95 0.64
N ARG A 215 14.77 11.09 1.10
CA ARG A 215 15.46 11.99 0.18
C ARG A 215 16.66 11.29 -0.46
N ARG A 216 17.42 10.51 0.34
CA ARG A 216 18.52 9.72 -0.21
C ARG A 216 18.01 8.57 -1.06
N GLY A 217 16.99 7.87 -0.58
CA GLY A 217 16.42 6.77 -1.33
C GLY A 217 16.03 7.12 -2.75
N ILE A 218 15.30 8.23 -2.92
CA ILE A 218 14.83 8.56 -4.26
C ILE A 218 16.01 8.74 -5.21
N ARG A 219 17.07 9.37 -4.74
CA ARG A 219 18.27 9.50 -5.56
C ARG A 219 18.87 8.14 -5.89
N TYR A 220 18.99 7.28 -4.86
CA TYR A 220 19.59 5.96 -5.05
C TYR A 220 18.77 5.08 -5.98
N TRP A 221 17.43 5.20 -5.94
CA TRP A 221 16.52 4.33 -6.68
C TRP A 221 16.14 4.87 -8.05
N ASN A 222 16.44 6.12 -8.35
CA ASN A 222 15.81 6.83 -9.47
C ASN A 222 14.29 6.76 -9.31
N GLY A 223 13.85 7.15 -8.12
CA GLY A 223 12.44 6.98 -7.77
C GLY A 223 11.53 7.94 -8.52
N VAL A 224 10.29 7.51 -8.71
CA VAL A 224 9.29 8.20 -9.50
C VAL A 224 8.06 8.48 -8.64
N VAL A 225 7.48 9.67 -8.78
CA VAL A 225 6.31 10.09 -8.02
C VAL A 225 5.24 10.55 -9.01
N PRO A 226 3.98 10.66 -8.59
CA PRO A 226 2.92 11.06 -9.53
C PRO A 226 3.15 12.44 -10.12
N GLU A 227 2.77 12.59 -11.40
CA GLU A 227 3.16 13.77 -12.17
C GLU A 227 2.63 15.08 -11.56
N ARG A 228 1.36 15.08 -11.14
CA ARG A 228 0.78 16.33 -10.63
C ARG A 228 1.45 16.74 -9.32
N CYS A 229 1.79 15.77 -8.48
CA CYS A 229 2.49 16.08 -7.24
C CYS A 229 3.91 16.57 -7.50
N ARG A 230 4.63 15.92 -8.42
CA ARG A 230 5.99 16.34 -8.77
C ARG A 230 6.00 17.77 -9.31
N ARG A 231 4.97 18.14 -10.07
CA ARG A 231 4.93 19.49 -10.63
C ARG A 231 4.74 20.54 -9.55
N GLN A 232 4.04 20.20 -8.46
CA GLN A 232 3.85 21.14 -7.37
C GLN A 232 5.16 21.35 -6.58
N PHE A 233 5.85 20.27 -6.24
CA PHE A 233 7.00 20.39 -5.36
C PHE A 233 8.32 20.58 -6.12
N GLN A 234 8.41 20.07 -7.36
CA GLN A 234 9.52 20.29 -8.28
C GLN A 234 10.83 19.65 -7.83
N GLU A 235 11.88 19.88 -8.61
CA GLU A 235 13.13 19.13 -8.48
C GLU A 235 13.71 19.24 -7.07
N GLY A 236 14.20 18.11 -6.57
CA GLY A 236 14.80 18.04 -5.25
C GLY A 236 13.83 17.92 -4.11
N GLU A 237 12.54 18.12 -4.35
CA GLU A 237 11.55 18.09 -3.27
C GLU A 237 10.50 17.00 -3.48
N GLU A 238 10.77 16.05 -4.39
CA GLU A 238 9.81 14.98 -4.67
C GLU A 238 9.58 14.07 -3.48
N TRP A 239 10.49 14.05 -2.49
CA TRP A 239 10.27 13.27 -1.28
C TRP A 239 8.93 13.62 -0.60
N ASN A 240 8.46 14.85 -0.78
CA ASN A 240 7.17 15.26 -0.21
C ASN A 240 6.05 14.35 -0.66
N CYS A 241 6.11 13.83 -1.88
CA CYS A 241 5.02 13.03 -2.45
C CYS A 241 4.90 11.65 -1.83
N PHE A 242 5.83 11.25 -0.97
CA PHE A 242 5.70 10.01 -0.21
C PHE A 242 4.80 10.15 1.02
N PHE A 243 4.32 11.35 1.33
CA PHE A 243 3.53 11.59 2.54
C PHE A 243 2.07 11.79 2.15
N GLY A 244 1.22 10.89 2.64
CA GLY A 244 -0.17 10.83 2.20
C GLY A 244 -0.87 12.18 2.15
N TYR A 245 -0.78 12.96 3.23
CA TYR A 245 -1.55 14.20 3.25
C TYR A 245 -1.10 15.19 2.18
N LYS A 246 0.09 14.99 1.60
CA LYS A 246 0.58 15.88 0.54
C LYS A 246 0.30 15.36 -0.87
N VAL A 247 0.34 14.04 -1.07
CA VAL A 247 0.12 13.49 -2.41
C VAL A 247 -1.37 13.21 -2.68
N TYR A 248 -2.13 12.81 -1.65
CA TYR A 248 -3.54 12.49 -1.84
C TYR A 248 -4.33 13.59 -2.54
N PRO A 249 -4.20 14.89 -2.22
CA PRO A 249 -5.03 15.91 -2.91
C PRO A 249 -4.74 16.02 -4.40
N THR A 250 -3.63 15.46 -4.90
CA THR A 250 -3.27 15.56 -6.30
C THR A 250 -3.81 14.40 -7.14
N LEU A 251 -4.38 13.38 -6.52
CA LEU A 251 -4.75 12.15 -7.21
C LEU A 251 -6.16 12.25 -7.82
N ARG A 252 -6.34 11.61 -8.97
CA ARG A 252 -7.65 11.59 -9.61
C ARG A 252 -8.44 10.30 -9.37
N SER A 253 -7.78 9.16 -9.19
CA SER A 253 -8.49 7.91 -8.92
C SER A 253 -9.08 7.91 -7.51
N PRO A 254 -10.22 7.24 -7.30
CA PRO A 254 -10.77 7.09 -5.95
C PRO A 254 -9.86 6.25 -5.07
N VAL A 255 -9.58 6.72 -3.85
CA VAL A 255 -8.66 6.06 -2.94
C VAL A 255 -9.29 6.00 -1.54
N PHE A 256 -9.42 4.79 -0.98
CA PHE A 256 -9.87 4.57 0.39
C PHE A 256 -8.64 4.43 1.29
N VAL A 257 -8.62 5.16 2.42
CA VAL A 257 -7.46 5.26 3.30
C VAL A 257 -7.77 4.60 4.64
N VAL A 258 -7.01 3.56 5.00
CA VAL A 258 -7.09 2.90 6.31
C VAL A 258 -5.82 3.25 7.09
N GLN A 259 -5.97 3.82 8.29
CA GLN A 259 -4.79 4.22 9.06
C GLN A 259 -5.11 4.19 10.55
N TRP A 260 -4.39 3.35 11.31
CA TRP A 260 -4.48 3.45 12.75
C TRP A 260 -4.00 4.82 13.21
N LEU A 261 -4.72 5.41 14.17
CA LEU A 261 -4.35 6.74 14.65
C LEU A 261 -3.01 6.73 15.37
N PHE A 262 -2.66 5.63 16.02
CA PHE A 262 -1.40 5.49 16.74
C PHE A 262 -0.60 4.35 16.10
N ASP A 263 -0.18 4.58 14.86
CA ASP A 263 0.49 3.54 14.09
C ASP A 263 1.87 3.22 14.68
N GLU A 264 2.17 1.92 14.83
CA GLU A 264 3.40 1.51 15.48
C GLU A 264 4.65 1.86 14.68
N ALA A 265 4.58 1.84 13.34
CA ALA A 265 5.75 2.21 12.56
C ALA A 265 5.99 3.71 12.65
N GLN A 266 4.92 4.50 12.70
CA GLN A 266 5.04 5.94 12.94
C GLN A 266 5.69 6.22 14.29
N LEU A 267 5.30 5.49 15.33
CA LEU A 267 5.89 5.71 16.63
C LEU A 267 7.34 5.23 16.68
N THR A 268 7.65 4.13 15.97
CA THR A 268 9.04 3.68 15.88
C THR A 268 9.94 4.79 15.36
N VAL A 269 9.61 5.35 14.19
CA VAL A 269 10.44 6.41 13.63
C VAL A 269 10.39 7.67 14.48
N ASP A 270 9.38 7.84 15.35
CA ASP A 270 9.33 8.98 16.26
C ASP A 270 10.09 8.74 17.58
N ASN A 271 10.68 7.56 17.77
CA ASN A 271 11.42 7.22 19.00
C ASN A 271 10.51 7.23 20.22
N VAL A 272 9.37 6.57 20.09
CA VAL A 272 8.46 6.32 21.21
C VAL A 272 8.44 4.83 21.46
N HIS A 273 8.73 4.43 22.70
CA HIS A 273 8.71 3.02 23.08
C HIS A 273 7.82 2.78 24.29
N VAL A 279 3.40 6.24 31.97
CA VAL A 279 3.59 7.29 30.98
C VAL A 279 3.43 8.67 31.62
N GLN A 280 4.47 9.50 31.49
CA GLN A 280 4.48 10.81 32.12
C GLN A 280 3.91 11.87 31.17
N GLU A 281 3.77 13.09 31.68
CA GLU A 281 3.02 14.15 31.00
C GLU A 281 3.58 14.45 29.61
N GLY A 282 4.91 14.54 29.48
CA GLY A 282 5.49 14.89 28.19
C GLY A 282 5.10 13.90 27.10
N LEU A 283 5.21 12.60 27.39
CA LEU A 283 4.86 11.58 26.41
C LEU A 283 3.35 11.52 26.19
N ARG A 284 2.56 11.70 27.25
CA ARG A 284 1.11 11.71 27.10
C ARG A 284 0.66 12.77 26.11
N LEU A 285 1.22 13.98 26.23
CA LEU A 285 0.87 15.05 25.31
C LEU A 285 1.36 14.75 23.90
N TYR A 286 2.56 14.16 23.77
CA TYR A 286 3.06 13.79 22.46
C TYR A 286 2.11 12.82 21.77
N ILE A 287 1.72 11.75 22.47
CA ILE A 287 0.86 10.73 21.89
C ILE A 287 -0.51 11.31 21.52
N GLN A 288 -1.07 12.15 22.40
CA GLN A 288 -2.38 12.74 22.11
C GLN A 288 -2.31 13.69 20.92
N ASN A 289 -1.22 14.45 20.81
CA ASN A 289 -1.10 15.36 19.67
C ASN A 289 -0.89 14.62 18.37
N LEU A 290 -0.23 13.45 18.40
CA LEU A 290 -0.06 12.65 17.19
C LEU A 290 -1.40 12.14 16.66
N GLY A 291 -2.24 11.61 17.55
CA GLY A 291 -3.58 11.20 17.15
C GLY A 291 -4.43 12.34 16.61
N ARG A 292 -4.35 13.52 17.26
CA ARG A 292 -5.10 14.68 16.80
C ARG A 292 -4.63 15.15 15.42
N GLU A 293 -3.32 15.14 15.17
CA GLU A 293 -2.80 15.56 13.88
C GLU A 293 -3.22 14.58 12.78
N LEU A 294 -3.13 13.29 13.05
N LEU A 294 -3.13 13.29 13.05
CA LEU A 294 -3.54 12.30 12.06
CA LEU A 294 -3.56 12.32 12.04
C LEU A 294 -5.04 12.45 11.75
C LEU A 294 -5.04 12.46 11.74
N ARG A 295 -5.86 12.60 12.79
CA ARG A 295 -7.29 12.84 12.58
C ARG A 295 -7.54 14.07 11.72
N HIS A 296 -6.76 15.14 11.95
CA HIS A 296 -6.94 16.37 11.18
C HIS A 296 -6.63 16.16 9.70
N THR A 297 -5.58 15.41 9.38
CA THR A 297 -5.23 15.21 7.97
C THR A 297 -6.25 14.39 7.20
N LEU A 298 -7.11 13.65 7.90
CA LEU A 298 -8.16 12.84 7.28
C LEU A 298 -9.52 13.53 7.21
N LYS A 299 -9.64 14.75 7.73
CA LYS A 299 -10.96 15.37 7.85
C LYS A 299 -11.63 15.52 6.48
N ASP A 300 -10.87 15.80 5.43
CA ASP A 300 -11.40 15.95 4.08
C ASP A 300 -11.07 14.76 3.18
N VAL A 301 -10.93 13.58 3.77
CA VAL A 301 -10.79 12.34 2.99
C VAL A 301 -12.10 11.58 3.11
N PRO A 302 -12.95 11.59 2.07
CA PRO A 302 -14.32 11.09 2.24
C PRO A 302 -14.43 9.58 2.44
N ALA A 303 -13.45 8.80 1.98
CA ALA A 303 -13.46 7.35 2.15
C ALA A 303 -12.26 6.99 3.04
N SER A 304 -12.50 6.73 4.32
CA SER A 304 -11.38 6.46 5.22
C SER A 304 -11.86 5.71 6.47
N PHE A 305 -10.94 4.98 7.09
CA PHE A 305 -11.23 4.13 8.25
C PHE A 305 -10.03 4.26 9.19
N ALA A 306 -10.20 4.93 10.33
CA ALA A 306 -9.06 5.29 11.19
C ALA A 306 -9.39 5.11 12.66
N PRO A 307 -9.13 3.92 13.21
CA PRO A 307 -9.45 3.63 14.61
C PRO A 307 -8.35 4.01 15.58
N ALA A 308 -8.77 4.30 16.82
CA ALA A 308 -7.87 4.75 17.88
C ALA A 308 -7.21 3.54 18.55
N CYS A 309 -6.27 2.93 17.81
CA CYS A 309 -5.54 1.75 18.25
C CYS A 309 -4.04 1.91 18.01
N LEU A 310 -3.26 1.24 18.85
CA LEU A 310 -1.82 1.06 18.64
C LEU A 310 -1.64 -0.26 17.90
N SER A 311 -1.40 -0.19 16.59
CA SER A 311 -1.24 -1.41 15.77
C SER A 311 -0.56 -1.02 14.45
N HIS A 312 -0.43 -1.99 13.53
CA HIS A 312 0.17 -1.74 12.23
C HIS A 312 -0.28 -2.83 11.25
N GLU A 313 -0.81 -2.39 10.09
CA GLU A 313 -1.40 -3.21 9.01
C GLU A 313 -2.72 -3.84 9.43
N ILE A 314 -3.55 -4.24 8.46
CA ILE A 314 -4.79 -4.93 8.82
C ILE A 314 -5.44 -5.73 7.67
N ILE A 315 -5.32 -5.28 6.42
CA ILE A 315 -6.26 -5.81 5.44
C ILE A 315 -5.98 -7.26 5.02
N ILE A 316 -4.77 -7.80 5.17
CA ILE A 316 -4.58 -9.23 4.88
C ILE A 316 -4.43 -10.06 6.16
N ARG A 317 -4.79 -9.49 7.31
CA ARG A 317 -4.89 -10.26 8.55
C ARG A 317 -6.23 -10.99 8.62
N SER A 318 -6.19 -12.24 9.08
CA SER A 318 -7.38 -13.09 9.09
C SER A 318 -8.52 -12.49 9.91
N HIS A 319 -8.19 -11.78 11.00
CA HIS A 319 -9.20 -11.21 11.88
C HIS A 319 -9.47 -9.74 11.58
N TRP A 320 -9.30 -9.33 10.32
CA TRP A 320 -9.58 -7.95 9.93
C TRP A 320 -11.06 -7.61 10.02
N THR A 321 -11.93 -8.62 10.14
CA THR A 321 -13.36 -8.38 10.28
C THR A 321 -13.77 -7.89 11.66
N ASP A 322 -12.86 -7.93 12.63
CA ASP A 322 -13.20 -7.71 14.04
C ASP A 322 -13.29 -6.25 14.45
N VAL A 323 -12.55 -5.36 13.81
CA VAL A 323 -12.47 -3.99 14.30
C VAL A 323 -13.63 -3.18 13.74
N GLN A 324 -14.11 -2.22 14.52
CA GLN A 324 -15.25 -1.39 14.17
C GLN A 324 -14.99 0.04 14.60
N VAL A 325 -15.53 0.99 13.83
CA VAL A 325 -15.54 2.41 14.20
C VAL A 325 -16.98 2.88 14.16
N LYS A 326 -17.45 3.46 15.26
CA LYS A 326 -18.82 3.95 15.34
C LYS A 326 -19.82 2.84 14.96
N GLY A 327 -19.47 1.59 15.27
CA GLY A 327 -20.31 0.44 15.03
C GLY A 327 -20.25 -0.19 13.64
N THR A 328 -19.33 0.24 12.77
CA THR A 328 -19.23 -0.27 11.41
C THR A 328 -17.86 -0.92 11.20
N SER A 329 -17.85 -2.14 10.64
CA SER A 329 -16.63 -2.90 10.40
C SER A 329 -15.89 -2.37 9.15
N LEU A 330 -14.63 -2.79 8.99
CA LEU A 330 -13.90 -2.39 7.78
C LEU A 330 -14.48 -3.06 6.54
N PRO A 331 -14.78 -4.37 6.52
CA PRO A 331 -15.45 -4.90 5.32
C PRO A 331 -16.75 -4.19 4.98
N ARG A 332 -17.54 -3.77 5.99
CA ARG A 332 -18.78 -3.06 5.65
C ARG A 332 -18.49 -1.70 5.05
N ALA A 333 -17.51 -0.97 5.62
CA ALA A 333 -17.19 0.36 5.09
C ALA A 333 -16.76 0.27 3.63
N LEU A 334 -15.94 -0.73 3.29
CA LEU A 334 -15.51 -0.93 1.91
C LEU A 334 -16.69 -1.25 0.99
N HIS A 335 -17.62 -2.09 1.45
CA HIS A 335 -18.83 -2.35 0.69
C HIS A 335 -19.63 -1.07 0.46
N CYS A 336 -19.77 -0.23 1.50
CA CYS A 336 -20.46 1.05 1.33
C CYS A 336 -19.74 1.96 0.32
N TRP A 337 -18.41 1.94 0.33
CA TRP A 337 -17.63 2.63 -0.69
C TRP A 337 -17.99 2.15 -2.09
N ASP A 338 -18.12 0.82 -2.27
CA ASP A 338 -18.54 0.31 -3.57
C ASP A 338 -19.89 0.90 -3.99
N ARG A 339 -20.85 0.93 -3.06
CA ARG A 339 -22.18 1.46 -3.40
C ARG A 339 -22.11 2.93 -3.78
N SER A 340 -21.31 3.72 -3.05
CA SER A 340 -21.19 5.14 -3.33
C SER A 340 -20.61 5.42 -4.72
N LEU A 341 -19.85 4.48 -5.29
CA LEU A 341 -19.22 4.69 -6.58
C LEU A 341 -20.05 4.17 -7.74
N HIS A 342 -21.27 3.74 -7.49
CA HIS A 342 -22.27 3.58 -8.55
C HIS A 342 -22.56 4.94 -9.20
N PRO A 351 -25.22 10.65 0.01
CA PRO A 351 -24.75 9.73 1.05
C PRO A 351 -25.76 8.64 1.37
N LEU A 352 -25.25 7.48 1.78
CA LEU A 352 -26.06 6.28 1.92
C LEU A 352 -26.57 6.11 3.35
N LYS A 353 -27.79 5.61 3.44
CA LYS A 353 -28.53 5.48 4.69
C LYS A 353 -27.99 4.28 5.48
N GLY A 354 -27.40 4.54 6.65
CA GLY A 354 -26.84 3.44 7.42
C GLY A 354 -25.66 2.73 6.78
N CYS A 355 -25.06 3.33 5.75
CA CYS A 355 -23.89 2.75 5.08
C CYS A 355 -22.81 3.81 4.96
N PRO A 356 -22.09 4.10 6.04
CA PRO A 356 -21.08 5.17 6.01
C PRO A 356 -19.76 4.73 5.38
N VAL A 357 -19.04 5.72 4.85
CA VAL A 357 -17.74 5.50 4.25
C VAL A 357 -16.62 6.31 4.90
N HIS A 358 -16.93 7.37 5.67
CA HIS A 358 -15.92 8.16 6.40
C HIS A 358 -16.06 7.84 7.88
N LEU A 359 -15.08 7.11 8.44
CA LEU A 359 -15.15 6.59 9.80
C LEU A 359 -13.84 6.84 10.55
N VAL A 360 -13.77 7.91 11.32
CA VAL A 360 -12.55 8.30 12.04
C VAL A 360 -12.89 8.44 13.52
N ASP A 361 -12.18 7.70 14.39
CA ASP A 361 -12.42 7.79 15.82
C ASP A 361 -12.10 9.20 16.33
N SER A 362 -12.82 9.62 17.37
CA SER A 362 -12.54 10.89 18.02
C SER A 362 -11.97 10.73 19.42
N CYS A 363 -11.97 9.54 19.97
CA CYS A 363 -11.40 9.46 21.32
C CYS A 363 -9.87 9.48 21.26
N PRO A 364 -9.20 10.02 22.29
CA PRO A 364 -7.82 10.50 22.11
C PRO A 364 -6.69 9.63 22.63
N TRP A 365 -6.92 8.36 22.97
CA TRP A 365 -5.86 7.50 23.54
C TRP A 365 -5.93 6.08 22.97
N PRO A 366 -4.75 5.42 22.73
CA PRO A 366 -4.75 4.04 22.22
C PRO A 366 -5.67 3.11 23.01
N HIS A 367 -6.51 2.37 22.29
CA HIS A 367 -7.44 1.40 22.86
C HIS A 367 -8.61 2.05 23.59
N CYS A 368 -8.89 3.34 23.32
CA CYS A 368 -10.18 3.87 23.74
C CYS A 368 -11.31 3.28 22.90
N ASN A 369 -10.98 2.66 21.78
CA ASN A 369 -11.94 1.87 21.01
C ASN A 369 -11.89 0.43 21.49
N PRO A 370 -13.00 -0.13 21.99
CA PRO A 370 -12.93 -1.49 22.56
C PRO A 370 -12.63 -2.58 21.56
N SER A 371 -12.82 -2.34 20.26
CA SER A 371 -12.63 -3.37 19.24
C SER A 371 -11.19 -3.48 18.76
N CYS A 372 -10.25 -2.73 19.34
CA CYS A 372 -8.87 -2.71 18.84
C CYS A 372 -8.24 -4.11 18.87
N PRO A 373 -7.29 -4.38 17.98
CA PRO A 373 -6.58 -5.67 18.03
C PRO A 373 -5.92 -5.90 19.37
N THR A 374 -6.17 -7.07 19.96
CA THR A 374 -5.64 -7.42 21.27
C THR A 374 -4.13 -7.55 21.25
S SO4 B . 15.41 -14.77 4.23
O1 SO4 B . 14.31 -13.93 3.71
O2 SO4 B . 15.77 -15.74 3.19
O3 SO4 B . 16.56 -13.92 4.55
O4 SO4 B . 14.95 -15.48 5.43
C1 NAG C . 10.54 -5.42 -20.70
C2 NAG C . 10.04 -4.80 -22.00
C3 NAG C . 10.91 -3.60 -22.38
C4 NAG C . 11.01 -2.61 -21.22
C5 NAG C . 11.49 -3.33 -19.97
C6 NAG C . 11.55 -2.44 -18.75
C7 NAG C . 8.92 -6.22 -23.66
C8 NAG C . 9.11 -7.25 -24.74
N2 NAG C . 10.04 -5.78 -23.07
O3 NAG C . 10.34 -2.95 -23.52
O4 NAG C . 11.91 -1.57 -21.55
O5 NAG C . 10.59 -4.41 -19.66
O6 NAG C . 10.29 -1.86 -18.46
O7 NAG C . 7.81 -5.83 -23.33
S SO4 D . -16.28 12.81 13.16
O1 SO4 D . -16.73 11.99 14.28
O2 SO4 D . -17.35 12.96 12.19
O3 SO4 D . -15.89 14.13 13.66
O4 SO4 D . -15.13 12.19 12.51
S SO4 E . 26.20 0.80 -5.42
O1 SO4 E . 25.09 0.04 -4.87
O2 SO4 E . 26.23 0.68 -6.87
O3 SO4 E . 26.08 2.21 -5.04
O4 SO4 E . 27.45 0.26 -4.87
S SO4 F . -18.25 -10.47 -3.59
O1 SO4 F . -19.34 -11.35 -4.05
O2 SO4 F . -18.48 -9.12 -4.13
O3 SO4 F . -18.25 -10.43 -2.14
O4 SO4 F . -16.97 -10.98 -4.12
C10 T9Q G . 8.84 7.37 4.41
C13 T9Q G . 6.58 6.03 3.60
C01 T9Q G . 7.31 3.26 8.41
C03 T9Q G . 7.54 1.40 7.00
C04 T9Q G . 7.71 1.92 5.58
C07 T9Q G . 7.71 3.80 3.92
C08 T9Q G . 7.71 5.31 3.94
C09 T9Q G . 8.84 5.99 4.35
C11 T9Q G . 7.72 8.09 4.04
C12 T9Q G . 6.59 7.41 3.65
N06 T9Q G . 7.55 3.33 5.28
O02 T9Q G . 6.67 2.26 7.65
O05 T9Q G . 7.94 1.18 4.69
#